data_2VQ3
#
_entry.id   2VQ3
#
_cell.length_a   37.686
_cell.length_b   66.812
_cell.length_c   143.366
_cell.angle_alpha   90.00
_cell.angle_beta   90.00
_cell.angle_gamma   90.00
#
_symmetry.space_group_name_H-M   'P 21 21 21'
#
loop_
_entity.id
_entity.type
_entity.pdbx_description
1 polymer 'METALLOREDUCTASE STEAP3'
2 non-polymer 'NADP NICOTINAMIDE-ADENINE-DINUCLEOTIDE PHOSPHATE'
3 non-polymer 'CITRIC ACID'
4 water water
#
_entity_poly.entity_id   1
_entity_poly.type   'polypeptide(L)'
_entity_poly.pdbx_seq_one_letter_code
;MPEEMDKPLISLHLVDSDSSLAKVPDEAPKVGILGSGDFARSLATRLVGSGFKVVVGSRNPKRTARLFPSAAQVTFQEEA
VSSPEVIFVAVFREHYSSLCSLSDQLAGKILVDVSNPTEQEHLQHRESNAEYLASLFPTCTVVKAFNVISAWTLQAGPRD
GNRQVPICGDQPEAKRAVSEMALAMGFMPVDMGSLASAWEVEAMPLRLLPAWKVP
;
_entity_poly.pdbx_strand_id   A,B
#
loop_
_chem_comp.id
_chem_comp.type
_chem_comp.name
_chem_comp.formula
CIT non-polymer 'CITRIC ACID' 'C6 H8 O7'
NAP non-polymer 'NADP NICOTINAMIDE-ADENINE-DINUCLEOTIDE PHOSPHATE' 'C21 H28 N7 O17 P3'
#
# COMPACT_ATOMS: atom_id res chain seq x y z
N PRO A 29 5.77 20.76 -4.09
CA PRO A 29 4.37 20.41 -4.33
C PRO A 29 3.65 21.55 -5.02
N LYS A 30 2.35 21.42 -5.27
CA LYS A 30 1.67 20.18 -5.20
C LYS A 30 2.24 19.32 -6.31
N VAL A 31 2.28 18.02 -6.11
CA VAL A 31 2.69 17.09 -7.12
C VAL A 31 1.43 16.41 -7.62
N GLY A 32 1.34 16.27 -8.93
CA GLY A 32 0.19 15.62 -9.53
C GLY A 32 0.48 14.17 -9.92
N ILE A 33 -0.60 13.37 -9.90
CA ILE A 33 -0.58 12.00 -10.36
C ILE A 33 -1.86 11.79 -11.14
N LEU A 34 -1.71 11.29 -12.36
CA LEU A 34 -2.83 10.83 -13.16
C LEU A 34 -2.89 9.33 -13.09
N GLY A 35 -4.04 8.83 -12.64
CA GLY A 35 -4.31 7.43 -12.52
C GLY A 35 -4.62 7.00 -11.09
N SER A 36 -5.19 5.83 -10.95
CA SER A 36 -5.86 5.49 -9.70
C SER A 36 -5.50 4.08 -9.24
N GLY A 37 -4.55 3.46 -9.90
CA GLY A 37 -4.17 2.10 -9.61
C GLY A 37 -3.16 1.90 -8.49
N ASP A 38 -2.63 0.70 -8.43
CA ASP A 38 -1.69 0.32 -7.38
C ASP A 38 -0.47 1.22 -7.36
N PHE A 39 0.05 1.54 -8.54
CA PHE A 39 1.21 2.42 -8.62
C PHE A 39 0.91 3.87 -8.23
N ALA A 40 -0.17 4.42 -8.76
CA ALA A 40 -0.61 5.77 -8.39
C ALA A 40 -0.69 5.83 -6.86
N ARG A 41 -1.30 4.83 -6.26
CA ARG A 41 -1.73 4.88 -4.88
C ARG A 41 -0.44 4.81 -4.03
N SER A 42 0.51 3.99 -4.47
CA SER A 42 1.79 3.81 -3.80
C SER A 42 2.68 5.04 -3.92
N LEU A 43 2.76 5.62 -5.12
CA LEU A 43 3.44 6.87 -5.32
CA LEU A 43 3.47 6.87 -5.29
C LEU A 43 2.85 7.93 -4.40
N ALA A 44 1.52 8.02 -4.34
CA ALA A 44 0.83 9.03 -3.50
C ALA A 44 1.25 8.87 -2.03
N THR A 45 1.28 7.64 -1.57
CA THR A 45 1.60 7.32 -0.20
C THR A 45 3.03 7.79 0.11
N ARG A 46 3.76 7.64 -0.72
CA ARG A 46 5.15 7.83 -0.54
C ARG A 46 5.51 9.31 -0.56
N LEU A 47 4.91 10.00 -1.51
CA LEU A 47 5.02 11.43 -1.64
C LEU A 47 4.49 12.13 -0.39
N VAL A 48 3.32 11.75 0.09
CA VAL A 48 2.76 12.39 1.27
C VAL A 48 3.62 12.08 2.50
N GLY A 49 4.17 10.88 2.58
CA GLY A 49 5.11 10.55 3.66
C GLY A 49 6.42 11.31 3.62
N SER A 50 6.71 11.91 2.47
CA SER A 50 7.94 12.67 2.25
C SER A 50 7.70 14.19 2.23
N GLY A 51 6.52 14.62 2.66
CA GLY A 51 6.23 16.03 2.87
C GLY A 51 5.78 16.77 1.63
N PHE A 52 5.35 16.04 0.60
CA PHE A 52 4.76 16.70 -0.58
C PHE A 52 3.27 16.77 -0.43
N LYS A 53 2.67 17.80 -1.02
CA LYS A 53 1.24 17.87 -1.20
C LYS A 53 0.95 17.20 -2.52
N VAL A 54 -0.10 16.37 -2.54
CA VAL A 54 -0.40 15.48 -3.67
C VAL A 54 -1.84 15.66 -4.11
N VAL A 55 -2.01 15.82 -5.43
CA VAL A 55 -3.32 15.84 -6.07
C VAL A 55 -3.36 14.74 -7.14
N VAL A 56 -4.44 13.97 -7.12
CA VAL A 56 -4.63 12.81 -7.97
C VAL A 56 -5.80 13.00 -8.90
N GLY A 57 -5.57 12.76 -10.18
CA GLY A 57 -6.57 12.82 -11.22
C GLY A 57 -7.08 11.45 -11.61
N SER A 58 -8.37 11.24 -11.36
CA SER A 58 -9.07 10.00 -11.62
C SER A 58 -10.36 10.28 -12.39
N ARG A 59 -10.75 9.33 -13.21
CA ARG A 59 -12.03 9.37 -13.91
C ARG A 59 -13.20 9.19 -12.96
N ASN A 60 -13.00 8.52 -11.83
CA ASN A 60 -14.08 8.35 -10.82
C ASN A 60 -13.52 8.62 -9.43
N PRO A 61 -13.29 9.89 -9.11
CA PRO A 61 -12.63 10.23 -7.86
C PRO A 61 -13.41 9.80 -6.62
N LYS A 62 -14.74 9.73 -6.71
CA LYS A 62 -15.55 9.31 -5.57
C LYS A 62 -15.11 7.92 -5.11
N ARG A 63 -15.09 6.99 -6.04
CA ARG A 63 -14.72 5.63 -5.76
C ARG A 63 -13.26 5.50 -5.41
N THR A 64 -12.43 6.18 -6.17
CA THR A 64 -10.98 6.09 -6.08
C THR A 64 -10.43 6.65 -4.77
N ALA A 65 -10.96 7.78 -4.35
CA ALA A 65 -10.54 8.43 -3.13
C ALA A 65 -10.58 7.52 -1.90
N ARG A 66 -11.56 6.63 -1.83
CA ARG A 66 -11.76 5.74 -0.68
C ARG A 66 -10.49 4.96 -0.28
N LEU A 67 -9.72 4.57 -1.27
CA LEU A 67 -8.52 3.75 -1.03
C LEU A 67 -7.22 4.54 -0.90
N PHE A 68 -7.23 5.79 -1.33
CA PHE A 68 -6.01 6.62 -1.35
C PHE A 68 -5.71 7.18 0.03
N PRO A 69 -4.42 7.45 0.33
CA PRO A 69 -4.05 8.11 1.59
C PRO A 69 -4.84 9.39 1.78
N SER A 70 -5.33 9.64 2.99
CA SER A 70 -6.22 10.79 3.25
C SER A 70 -5.63 12.12 2.90
N ALA A 71 -4.32 12.25 3.09
CA ALA A 71 -3.63 13.51 2.82
C ALA A 71 -3.57 13.86 1.32
N ALA A 72 -3.80 12.90 0.44
CA ALA A 72 -3.88 13.21 -1.00
C ALA A 72 -5.28 13.70 -1.36
N GLN A 73 -5.35 14.66 -2.27
CA GLN A 73 -6.61 15.17 -2.75
C GLN A 73 -6.91 14.53 -4.08
N VAL A 74 -7.91 13.64 -4.08
CA VAL A 74 -8.28 12.93 -5.29
C VAL A 74 -9.45 13.65 -5.91
N THR A 75 -9.32 13.94 -7.19
CA THR A 75 -10.30 14.72 -7.89
C THR A 75 -10.37 14.31 -9.37
N PHE A 76 -11.12 15.06 -10.15
CA PHE A 76 -11.30 14.79 -11.57
C PHE A 76 -9.99 15.10 -12.33
N GLN A 77 -9.79 14.47 -13.48
CA GLN A 77 -8.51 14.64 -14.22
C GLN A 77 -8.21 16.11 -14.52
N GLU A 78 -9.21 16.79 -15.06
CA GLU A 78 -9.05 18.16 -15.46
C GLU A 78 -8.61 19.04 -14.29
N GLU A 79 -9.23 18.87 -13.14
CA GLU A 79 -8.90 19.65 -11.97
C GLU A 79 -7.55 19.26 -11.36
N ALA A 80 -7.15 18.01 -11.54
CA ALA A 80 -5.91 17.49 -10.93
C ALA A 80 -4.64 18.03 -11.58
N VAL A 81 -4.71 18.32 -12.87
CA VAL A 81 -3.50 18.64 -13.64
C VAL A 81 -3.25 20.12 -13.72
N SER A 82 -4.22 20.83 -13.15
CA SER A 82 -4.25 22.26 -13.33
C SER A 82 -3.23 22.99 -12.42
N SER A 83 -3.11 22.55 -11.16
CA SER A 83 -2.18 23.18 -10.20
C SER A 83 -0.68 22.80 -10.33
N PRO A 84 -0.36 21.50 -10.33
CA PRO A 84 1.04 21.06 -10.18
C PRO A 84 1.98 21.40 -11.33
N GLU A 85 3.26 21.50 -11.03
CA GLU A 85 4.31 21.67 -12.02
C GLU A 85 4.81 20.33 -12.60
N VAL A 86 4.73 19.26 -11.80
CA VAL A 86 5.17 17.91 -12.16
C VAL A 86 4.01 16.95 -12.00
N ILE A 87 3.70 16.19 -13.05
CA ILE A 87 2.60 15.23 -13.08
C ILE A 87 3.11 13.85 -13.43
N PHE A 88 2.94 12.91 -12.50
CA PHE A 88 3.23 11.49 -12.74
C PHE A 88 2.10 10.82 -13.54
N VAL A 89 2.44 10.25 -14.68
CA VAL A 89 1.47 9.61 -15.54
C VAL A 89 1.44 8.11 -15.22
N ALA A 90 0.61 7.75 -14.24
CA ALA A 90 0.56 6.40 -13.72
C ALA A 90 -0.61 5.63 -14.34
N VAL A 91 -0.60 5.54 -15.65
CA VAL A 91 -1.59 4.78 -16.42
C VAL A 91 -0.81 3.98 -17.45
N PHE A 92 -1.44 3.00 -18.09
CA PHE A 92 -0.74 2.18 -19.07
C PHE A 92 -0.66 2.93 -20.41
N ARG A 93 0.33 2.53 -21.21
CA ARG A 93 0.61 3.12 -22.52
C ARG A 93 -0.64 3.26 -23.38
N GLU A 94 -1.43 2.19 -23.41
N GLU A 94 -1.45 2.22 -23.42
CA GLU A 94 -2.66 2.10 -24.19
CA GLU A 94 -2.63 2.20 -24.29
C GLU A 94 -3.69 3.19 -23.85
C GLU A 94 -3.68 3.23 -23.88
N HIS A 95 -3.53 3.80 -22.68
CA HIS A 95 -4.43 4.86 -22.21
C HIS A 95 -3.85 6.29 -22.30
N TYR A 96 -2.62 6.41 -22.78
CA TYR A 96 -1.98 7.73 -22.91
C TYR A 96 -2.81 8.69 -23.79
N SER A 97 -3.26 8.22 -24.93
CA SER A 97 -3.99 9.08 -25.86
C SER A 97 -5.33 9.53 -25.29
N SER A 98 -5.92 8.76 -24.37
CA SER A 98 -7.16 9.19 -23.70
C SER A 98 -6.97 10.45 -22.85
N LEU A 99 -5.72 10.84 -22.60
CA LEU A 99 -5.42 12.04 -21.81
C LEU A 99 -5.27 13.29 -22.66
N CYS A 100 -5.50 13.17 -23.95
CA CYS A 100 -5.28 14.28 -24.87
C CYS A 100 -6.19 15.50 -24.59
N SER A 101 -7.40 15.26 -24.15
CA SER A 101 -8.31 16.35 -23.79
C SER A 101 -7.75 17.29 -22.70
N LEU A 102 -6.74 16.83 -21.98
CA LEU A 102 -6.07 17.62 -20.93
C LEU A 102 -4.92 18.50 -21.45
N SER A 103 -4.69 18.47 -22.76
CA SER A 103 -3.52 19.12 -23.40
C SER A 103 -3.34 20.58 -23.04
N ASP A 104 -4.44 21.33 -23.09
CA ASP A 104 -4.42 22.76 -22.83
C ASP A 104 -3.95 23.06 -21.42
N GLN A 105 -4.39 22.25 -20.46
CA GLN A 105 -4.02 22.44 -19.06
C GLN A 105 -2.61 21.94 -18.78
N LEU A 106 -2.20 20.87 -19.45
CA LEU A 106 -0.88 20.28 -19.25
C LEU A 106 0.27 21.06 -19.92
N ALA A 107 -0.06 22.07 -20.72
CA ALA A 107 0.96 22.82 -21.49
C ALA A 107 2.07 23.37 -20.61
N GLY A 108 3.33 23.14 -21.02
CA GLY A 108 4.50 23.62 -20.28
C GLY A 108 4.85 22.86 -19.00
N LYS A 109 4.16 21.78 -18.73
CA LYS A 109 4.39 21.02 -17.49
C LYS A 109 5.38 19.86 -17.70
N ILE A 110 5.87 19.32 -16.60
CA ILE A 110 6.77 18.17 -16.60
C ILE A 110 5.90 16.95 -16.41
N LEU A 111 6.01 15.99 -17.32
CA LEU A 111 5.30 14.73 -17.24
C LEU A 111 6.30 13.63 -16.92
N VAL A 112 5.98 12.80 -15.93
CA VAL A 112 6.86 11.69 -15.58
C VAL A 112 6.28 10.37 -16.11
N ASP A 113 7.03 9.72 -17.00
CA ASP A 113 6.63 8.45 -17.55
C ASP A 113 7.25 7.36 -16.69
N VAL A 114 6.40 6.66 -15.94
CA VAL A 114 6.84 5.65 -14.99
C VAL A 114 6.66 4.22 -15.51
N SER A 115 6.19 4.07 -16.75
CA SER A 115 5.77 2.76 -17.25
C SER A 115 6.90 1.70 -17.27
N ASN A 116 6.53 0.47 -16.94
CA ASN A 116 7.45 -0.65 -16.96
C ASN A 116 6.90 -1.64 -17.98
N PRO A 117 7.21 -1.44 -19.27
CA PRO A 117 6.56 -2.30 -20.28
C PRO A 117 6.95 -3.77 -20.11
N THR A 118 6.07 -4.66 -20.51
CA THR A 118 6.43 -6.07 -20.63
C THR A 118 7.46 -6.22 -21.75
N GLU A 119 8.18 -7.33 -21.76
CA GLU A 119 9.21 -7.58 -22.78
C GLU A 119 8.64 -7.47 -24.18
N GLN A 120 7.40 -7.94 -24.33
CA GLN A 120 6.71 -7.93 -25.62
C GLN A 120 6.40 -6.51 -26.10
N GLU A 121 5.82 -5.70 -25.22
CA GLU A 121 5.47 -4.29 -25.54
C GLU A 121 6.75 -3.52 -25.91
N HIS A 122 7.78 -3.72 -25.10
CA HIS A 122 9.08 -3.13 -25.32
C HIS A 122 9.58 -3.42 -26.75
N LEU A 123 9.47 -4.68 -27.15
CA LEU A 123 9.98 -5.11 -28.48
C LEU A 123 9.09 -4.71 -29.66
N GLN A 124 7.80 -4.57 -29.41
N GLN A 124 7.79 -4.58 -29.43
CA GLN A 124 6.81 -4.27 -30.46
CA GLN A 124 6.83 -4.28 -30.52
C GLN A 124 6.84 -2.82 -30.92
C GLN A 124 6.85 -2.80 -30.93
N HIS A 125 7.18 -1.92 -29.99
CA HIS A 125 7.15 -0.49 -30.27
C HIS A 125 8.54 0.02 -30.54
N ARG A 126 8.71 0.70 -31.67
CA ARG A 126 10.01 1.22 -32.04
C ARG A 126 10.51 2.22 -31.01
N GLU A 127 9.63 3.11 -30.58
CA GLU A 127 10.02 4.11 -29.61
C GLU A 127 9.59 3.67 -28.20
N SER A 128 10.24 4.27 -27.23
CA SER A 128 9.89 4.06 -25.87
C SER A 128 8.52 4.69 -25.57
N ASN A 129 7.92 4.21 -24.50
CA ASN A 129 6.71 4.79 -23.98
C ASN A 129 6.91 6.27 -23.70
N ALA A 130 8.04 6.62 -23.11
CA ALA A 130 8.30 8.00 -22.75
C ALA A 130 8.34 8.91 -24.00
N GLU A 131 8.97 8.43 -25.06
CA GLU A 131 9.02 9.18 -26.30
C GLU A 131 7.65 9.26 -26.96
N TYR A 132 6.87 8.20 -26.87
CA TYR A 132 5.49 8.22 -27.32
C TYR A 132 4.69 9.30 -26.60
N LEU A 133 4.80 9.33 -25.27
N LEU A 133 4.78 9.30 -25.28
CA LEU A 133 4.11 10.33 -24.47
CA LEU A 133 4.15 10.33 -24.44
C LEU A 133 4.59 11.75 -24.81
C LEU A 133 4.58 11.73 -24.89
N ALA A 134 5.88 11.90 -25.09
CA ALA A 134 6.44 13.21 -25.50
C ALA A 134 5.80 13.69 -26.81
N SER A 135 5.57 12.75 -27.73
CA SER A 135 4.96 13.06 -29.04
C SER A 135 3.50 13.47 -28.89
N LEU A 136 2.81 12.89 -27.92
CA LEU A 136 1.39 13.20 -27.68
C LEU A 136 1.19 14.59 -27.06
N PHE A 137 2.19 15.03 -26.29
CA PHE A 137 2.15 16.29 -25.56
C PHE A 137 3.41 17.11 -25.83
N PRO A 138 3.55 17.64 -27.07
CA PRO A 138 4.78 18.32 -27.47
C PRO A 138 5.11 19.61 -26.69
N THR A 139 4.13 20.23 -26.05
CA THR A 139 4.40 21.42 -25.23
C THR A 139 4.85 21.08 -23.81
N CYS A 140 4.79 19.79 -23.47
CA CYS A 140 5.30 19.27 -22.18
C CYS A 140 6.72 18.80 -22.31
N THR A 141 7.38 18.60 -21.17
CA THR A 141 8.70 17.96 -21.17
C THR A 141 8.61 16.68 -20.38
N VAL A 142 9.00 15.57 -21.01
CA VAL A 142 8.89 14.27 -20.40
C VAL A 142 10.19 13.87 -19.72
N VAL A 143 10.05 13.31 -18.53
CA VAL A 143 11.14 12.64 -17.82
C VAL A 143 10.77 11.19 -17.61
N LYS A 144 11.70 10.27 -17.91
CA LYS A 144 11.51 8.86 -17.63
C LYS A 144 12.07 8.64 -16.24
N ALA A 145 11.26 8.10 -15.35
CA ALA A 145 11.70 7.78 -14.00
C ALA A 145 10.71 6.88 -13.26
N PHE A 146 11.26 6.02 -12.40
CA PHE A 146 10.54 5.14 -11.44
C PHE A 146 10.05 3.81 -11.99
N ASN A 147 10.34 3.53 -13.25
CA ASN A 147 9.92 2.29 -13.85
C ASN A 147 10.49 1.03 -13.21
N VAL A 148 11.65 1.14 -12.57
CA VAL A 148 12.32 -0.02 -11.99
C VAL A 148 11.95 -0.23 -10.52
N ILE A 149 11.11 0.64 -9.97
CA ILE A 149 10.73 0.60 -8.56
C ILE A 149 9.35 -0.03 -8.40
N SER A 150 9.24 -1.07 -7.58
CA SER A 150 7.94 -1.72 -7.33
C SER A 150 7.03 -0.84 -6.51
N ALA A 151 5.73 -1.03 -6.67
CA ALA A 151 4.71 -0.35 -5.89
C ALA A 151 4.95 -0.59 -4.40
N TRP A 152 5.30 -1.81 -4.02
CA TRP A 152 5.57 -2.06 -2.60
C TRP A 152 6.80 -1.32 -2.10
N THR A 153 7.82 -1.19 -2.94
CA THR A 153 9.01 -0.43 -2.54
C THR A 153 8.64 1.02 -2.29
N LEU A 154 7.81 1.58 -3.15
CA LEU A 154 7.20 2.88 -2.89
C LEU A 154 6.48 2.96 -1.55
N GLN A 155 5.60 2.01 -1.27
CA GLN A 155 4.82 1.97 -0.04
C GLN A 155 5.68 1.82 1.20
N ALA A 156 6.50 0.79 1.21
CA ALA A 156 7.23 0.37 2.39
C ALA A 156 8.36 1.33 2.62
N GLY A 157 8.75 2.01 1.56
CA GLY A 157 9.95 2.79 1.56
C GLY A 157 11.20 2.14 1.09
N PRO A 158 12.00 2.85 0.32
CA PRO A 158 13.28 2.29 -0.11
C PRO A 158 14.19 2.02 1.08
N ARG A 159 15.07 1.06 0.91
CA ARG A 159 16.14 0.81 1.86
C ARG A 159 17.41 0.42 1.10
N ASP A 160 18.59 0.64 1.66
CA ASP A 160 19.77 0.45 0.80
C ASP A 160 19.91 -1.06 0.59
N GLY A 161 20.55 -1.46 -0.49
CA GLY A 161 20.94 -0.59 -1.56
C GLY A 161 19.89 -1.03 -2.54
N ASN A 162 18.68 -0.56 -2.32
CA ASN A 162 17.71 -0.63 -3.36
C ASN A 162 17.12 0.74 -3.70
N ARG A 163 18.01 1.71 -3.77
CA ARG A 163 17.59 3.06 -3.79
C ARG A 163 17.61 3.65 -5.21
N GLN A 164 18.17 2.94 -6.17
CA GLN A 164 18.71 3.60 -7.39
C GLN A 164 17.49 3.78 -8.32
N VAL A 165 17.28 5.01 -8.79
CA VAL A 165 16.31 5.30 -9.86
C VAL A 165 16.99 5.94 -11.04
N PRO A 166 17.09 5.21 -12.14
CA PRO A 166 17.41 5.83 -13.43
C PRO A 166 16.40 6.87 -13.90
N ILE A 167 16.95 7.98 -14.36
CA ILE A 167 16.24 9.13 -14.83
C ILE A 167 16.85 9.48 -16.17
N CYS A 168 16.00 9.73 -17.14
CA CYS A 168 16.38 10.48 -18.30
C CYS A 168 15.35 11.44 -18.85
N GLY A 169 15.81 12.31 -19.70
CA GLY A 169 14.99 13.36 -20.28
C GLY A 169 15.85 14.38 -20.99
N ASP A 170 15.24 15.15 -21.87
CA ASP A 170 15.95 16.14 -22.67
C ASP A 170 16.24 17.45 -21.93
N GLN A 171 15.49 17.74 -20.87
CA GLN A 171 15.58 19.05 -20.22
C GLN A 171 16.21 19.00 -18.82
N PRO A 172 17.37 19.66 -18.64
CA PRO A 172 18.02 19.55 -17.32
C PRO A 172 17.16 20.04 -16.14
N GLU A 173 16.37 21.09 -16.33
CA GLU A 173 15.55 21.61 -15.22
C GLU A 173 14.51 20.58 -14.77
N ALA A 174 13.88 19.94 -15.74
CA ALA A 174 12.88 18.91 -15.47
C ALA A 174 13.50 17.68 -14.78
N LYS A 175 14.65 17.24 -15.26
CA LYS A 175 15.37 16.13 -14.62
C LYS A 175 15.79 16.45 -13.19
N ARG A 176 16.21 17.69 -12.94
CA ARG A 176 16.57 18.13 -11.58
C ARG A 176 15.35 18.09 -10.65
N ALA A 177 14.23 18.61 -11.11
CA ALA A 177 13.00 18.58 -10.33
C ALA A 177 12.62 17.15 -9.90
N VAL A 178 12.68 16.22 -10.85
CA VAL A 178 12.30 14.83 -10.56
C VAL A 178 13.33 14.15 -9.66
N SER A 179 14.61 14.48 -9.87
CA SER A 179 15.70 13.93 -9.07
C SER A 179 15.63 14.37 -7.60
N GLU A 180 15.33 15.64 -7.37
CA GLU A 180 15.18 16.17 -6.01
C GLU A 180 14.00 15.51 -5.31
N MET A 181 12.96 15.22 -6.10
CA MET A 181 11.80 14.53 -5.59
C MET A 181 12.19 13.11 -5.19
N ALA A 182 12.91 12.43 -6.07
CA ALA A 182 13.44 11.11 -5.79
C ALA A 182 14.24 11.07 -4.50
N LEU A 183 15.14 12.05 -4.32
CA LEU A 183 15.96 12.14 -3.12
C LEU A 183 15.12 12.38 -1.85
N ALA A 184 14.13 13.26 -1.94
CA ALA A 184 13.21 13.49 -0.84
C ALA A 184 12.45 12.24 -0.44
N MET A 185 12.15 11.38 -1.41
CA MET A 185 11.48 10.12 -1.15
C MET A 185 12.42 9.04 -0.64
N GLY A 186 13.69 9.35 -0.57
CA GLY A 186 14.66 8.39 -0.10
C GLY A 186 15.30 7.50 -1.14
N PHE A 187 15.21 7.87 -2.40
CA PHE A 187 15.84 7.13 -3.50
C PHE A 187 17.11 7.83 -3.92
N MET A 188 17.87 7.17 -4.79
CA MET A 188 19.11 7.72 -5.32
C MET A 188 19.03 7.84 -6.83
N PRO A 189 18.77 9.04 -7.35
CA PRO A 189 18.59 9.19 -8.78
C PRO A 189 19.91 8.97 -9.52
N VAL A 190 19.83 8.37 -10.70
CA VAL A 190 21.00 8.06 -11.52
C VAL A 190 20.72 8.60 -12.92
N ASP A 191 21.53 9.57 -13.35
CA ASP A 191 21.26 10.25 -14.62
C ASP A 191 21.67 9.35 -15.78
N MET A 192 20.71 8.98 -16.62
CA MET A 192 20.98 8.13 -17.79
C MET A 192 20.94 8.91 -19.11
N GLY A 193 20.88 10.23 -19.02
CA GLY A 193 21.06 11.06 -20.22
C GLY A 193 19.76 11.58 -20.80
N SER A 194 19.71 11.70 -22.13
CA SER A 194 18.54 12.31 -22.82
C SER A 194 17.36 11.33 -22.90
N LEU A 195 16.22 11.81 -23.40
CA LEU A 195 15.03 10.95 -23.51
C LEU A 195 15.29 9.77 -24.47
N ALA A 196 16.27 9.91 -25.36
CA ALA A 196 16.63 8.80 -26.25
C ALA A 196 17.15 7.56 -25.49
N SER A 197 17.59 7.75 -24.25
CA SER A 197 17.97 6.62 -23.38
C SER A 197 16.79 5.87 -22.82
N ALA A 198 15.57 6.40 -22.98
CA ALA A 198 14.39 5.86 -22.31
C ALA A 198 14.11 4.42 -22.75
N TRP A 199 14.37 4.10 -24.01
CA TRP A 199 14.13 2.73 -24.50
C TRP A 199 14.97 1.72 -23.70
N GLU A 200 16.25 2.03 -23.53
CA GLU A 200 17.13 1.15 -22.75
C GLU A 200 16.71 1.12 -21.28
N VAL A 201 16.31 2.25 -20.74
CA VAL A 201 15.82 2.31 -19.37
C VAL A 201 14.57 1.43 -19.18
N GLU A 202 13.67 1.49 -20.15
CA GLU A 202 12.45 0.72 -20.12
C GLU A 202 12.72 -0.80 -20.19
N ALA A 203 13.89 -1.21 -20.68
CA ALA A 203 14.30 -2.63 -20.67
C ALA A 203 14.81 -3.08 -19.30
N MET A 204 15.11 -2.13 -18.41
CA MET A 204 15.65 -2.48 -17.10
C MET A 204 14.62 -3.26 -16.28
N PRO A 205 15.04 -4.41 -15.70
CA PRO A 205 14.11 -5.19 -14.91
C PRO A 205 13.59 -4.45 -13.68
N LEU A 206 12.35 -4.72 -13.33
CA LEU A 206 11.78 -4.20 -12.13
C LEU A 206 12.31 -4.98 -10.95
N ARG A 207 12.64 -4.22 -9.90
CA ARG A 207 13.24 -4.72 -8.68
C ARG A 207 12.21 -4.88 -7.56
N LEU A 208 12.24 -6.05 -6.89
CA LEU A 208 11.52 -6.27 -5.59
C LEU A 208 12.30 -6.14 -4.26
N LEU A 209 12.83 -7.22 -3.70
CA LEU A 209 12.99 -7.32 -2.23
C LEU A 209 14.39 -6.93 -1.73
N PRO B 29 -18.47 -3.76 8.05
CA PRO B 29 -18.56 -2.91 9.22
C PRO B 29 -18.89 -3.62 10.50
N LYS B 30 -18.49 -3.04 11.61
CA LYS B 30 -17.38 -2.16 11.63
C LYS B 30 -16.23 -3.00 12.13
N VAL B 31 -15.11 -3.00 11.45
CA VAL B 31 -13.98 -3.84 11.79
C VAL B 31 -12.91 -2.96 12.41
N GLY B 32 -12.37 -3.35 13.54
CA GLY B 32 -11.31 -2.60 14.15
C GLY B 32 -9.89 -3.07 13.81
N ILE B 33 -8.96 -2.15 13.82
CA ILE B 33 -7.54 -2.45 13.73
C ILE B 33 -6.81 -1.60 14.75
N LEU B 34 -5.97 -2.26 15.56
CA LEU B 34 -5.07 -1.57 16.47
C LEU B 34 -3.68 -1.55 15.86
N GLY B 35 -3.17 -0.36 15.61
CA GLY B 35 -1.86 -0.17 15.05
C GLY B 35 -1.83 0.62 13.75
N SER B 36 -0.65 1.07 13.37
CA SER B 36 -0.49 2.19 12.44
C SER B 36 0.53 1.88 11.35
N GLY B 37 1.15 0.71 11.38
CA GLY B 37 2.22 0.38 10.45
C GLY B 37 1.79 -0.22 9.13
N ASP B 38 2.75 -0.80 8.43
CA ASP B 38 2.53 -1.31 7.09
C ASP B 38 1.42 -2.35 7.05
N PHE B 39 1.41 -3.27 8.02
CA PHE B 39 0.37 -4.29 8.03
C PHE B 39 -1.02 -3.72 8.35
N ALA B 40 -1.11 -2.90 9.38
CA ALA B 40 -2.33 -2.19 9.70
C ALA B 40 -2.86 -1.57 8.41
N ARG B 41 -2.00 -0.87 7.70
CA ARG B 41 -2.45 0.04 6.67
C ARG B 41 -2.91 -0.82 5.46
N SER B 42 -2.21 -1.93 5.23
CA SER B 42 -2.56 -2.84 4.16
C SER B 42 -3.88 -3.58 4.43
N LEU B 43 -4.08 -4.05 5.66
CA LEU B 43 -5.33 -4.63 6.14
CA LEU B 43 -5.32 -4.64 6.10
C LEU B 43 -6.49 -3.64 5.94
N ALA B 44 -6.27 -2.41 6.35
CA ALA B 44 -7.30 -1.37 6.21
C ALA B 44 -7.69 -1.21 4.73
N THR B 45 -6.67 -1.20 3.86
CA THR B 45 -6.89 -1.03 2.42
C THR B 45 -7.74 -2.19 1.88
N ARG B 46 -7.39 -3.40 2.26
CA ARG B 46 -8.10 -4.59 1.77
C ARG B 46 -9.53 -4.64 2.29
N LEU B 47 -9.71 -4.37 3.58
CA LEU B 47 -11.03 -4.36 4.20
C LEU B 47 -11.99 -3.35 3.55
N VAL B 48 -11.49 -2.12 3.37
CA VAL B 48 -12.25 -1.04 2.70
C VAL B 48 -12.61 -1.45 1.26
N GLY B 49 -11.66 -2.06 0.56
CA GLY B 49 -11.94 -2.51 -0.81
C GLY B 49 -12.91 -3.68 -0.92
N SER B 50 -13.16 -4.32 0.21
CA SER B 50 -14.05 -5.46 0.33
C SER B 50 -15.39 -5.10 0.95
N GLY B 51 -15.64 -3.81 1.14
CA GLY B 51 -16.96 -3.33 1.60
C GLY B 51 -17.16 -3.33 3.11
N PHE B 52 -16.07 -3.40 3.86
CA PHE B 52 -16.16 -3.27 5.31
C PHE B 52 -15.95 -1.82 5.70
N LYS B 53 -16.58 -1.39 6.77
CA LYS B 53 -16.26 -0.12 7.42
C LYS B 53 -15.16 -0.41 8.43
N VAL B 54 -14.17 0.47 8.47
CA VAL B 54 -12.92 0.24 9.19
C VAL B 54 -12.63 1.41 10.11
N VAL B 55 -12.33 1.08 11.36
CA VAL B 55 -11.84 2.04 12.35
C VAL B 55 -10.46 1.57 12.84
N VAL B 56 -9.53 2.51 12.88
CA VAL B 56 -8.13 2.24 13.24
C VAL B 56 -7.78 2.97 14.53
N GLY B 57 -7.19 2.24 15.46
CA GLY B 57 -6.69 2.82 16.70
C GLY B 57 -5.17 3.03 16.71
N SER B 58 -4.79 4.30 16.84
CA SER B 58 -3.40 4.74 16.82
C SER B 58 -3.11 5.65 18.00
N ARG B 59 -1.88 5.58 18.49
CA ARG B 59 -1.41 6.48 19.52
C ARG B 59 -1.31 7.93 18.98
N ASN B 60 -1.10 8.10 17.68
CA ASN B 60 -1.01 9.45 17.06
C ASN B 60 -1.84 9.51 15.78
N PRO B 61 -3.17 9.54 15.92
CA PRO B 61 -4.05 9.44 14.76
C PRO B 61 -3.87 10.58 13.77
N LYS B 62 -3.46 11.75 14.24
CA LYS B 62 -3.26 12.89 13.36
C LYS B 62 -2.19 12.56 12.31
N ARG B 63 -1.05 12.11 12.79
CA ARG B 63 0.04 11.71 11.94
C ARG B 63 -0.29 10.48 11.08
N THR B 64 -0.88 9.49 11.71
CA THR B 64 -1.19 8.20 11.10
C THR B 64 -2.27 8.24 10.01
N ALA B 65 -3.28 9.05 10.26
CA ALA B 65 -4.40 9.16 9.31
C ALA B 65 -3.96 9.58 7.91
N ARG B 66 -2.93 10.43 7.83
CA ARG B 66 -2.48 10.98 6.55
C ARG B 66 -2.15 9.92 5.49
N LEU B 67 -1.58 8.80 5.92
CA LEU B 67 -1.18 7.70 5.01
C LEU B 67 -2.26 6.65 4.78
N PHE B 68 -3.23 6.56 5.68
CA PHE B 68 -4.26 5.51 5.59
C PHE B 68 -5.31 5.80 4.52
N PRO B 69 -5.95 4.74 3.98
CA PRO B 69 -7.04 4.94 3.02
C PRO B 69 -8.11 5.84 3.61
N SER B 70 -8.61 6.81 2.83
CA SER B 70 -9.54 7.83 3.36
C SER B 70 -10.80 7.24 3.95
N ALA B 71 -11.25 6.13 3.39
CA ALA B 71 -12.47 5.48 3.83
C ALA B 71 -12.33 4.89 5.25
N ALA B 72 -11.11 4.66 5.72
CA ALA B 72 -10.89 4.22 7.09
C ALA B 72 -10.94 5.43 8.05
N GLN B 73 -11.53 5.24 9.21
CA GLN B 73 -11.55 6.27 10.24
C GLN B 73 -10.44 6.00 11.25
N VAL B 74 -9.40 6.82 11.22
CA VAL B 74 -8.26 6.65 12.10
C VAL B 74 -8.49 7.53 13.31
N THR B 75 -8.40 6.93 14.50
CA THR B 75 -8.71 7.62 15.73
C THR B 75 -7.78 7.12 16.86
N PHE B 76 -8.07 7.57 18.08
CA PHE B 76 -7.31 7.18 19.26
C PHE B 76 -7.67 5.75 19.62
N GLN B 77 -6.76 5.08 20.33
CA GLN B 77 -6.95 3.67 20.66
C GLN B 77 -8.25 3.41 21.38
N GLU B 78 -8.48 4.17 22.43
CA GLU B 78 -9.67 4.04 23.25
C GLU B 78 -10.93 4.07 22.41
N GLU B 79 -11.02 5.05 21.53
CA GLU B 79 -12.19 5.22 20.72
C GLU B 79 -12.33 4.22 19.59
N ALA B 80 -11.24 3.64 19.13
CA ALA B 80 -11.27 2.67 18.01
C ALA B 80 -11.81 1.30 18.40
N VAL B 81 -11.66 0.93 19.66
CA VAL B 81 -12.00 -0.42 20.09
C VAL B 81 -13.40 -0.61 20.59
N SER B 82 -14.13 0.47 20.78
CA SER B 82 -15.42 0.38 21.45
C SER B 82 -16.57 -0.10 20.57
N SER B 83 -16.56 0.27 19.29
CA SER B 83 -17.60 -0.13 18.35
C SER B 83 -17.48 -1.54 17.77
N PRO B 84 -16.31 -1.91 17.27
CA PRO B 84 -16.21 -3.16 16.53
C PRO B 84 -16.42 -4.41 17.37
N GLU B 85 -16.88 -5.47 16.73
CA GLU B 85 -16.92 -6.81 17.34
C GLU B 85 -15.60 -7.59 17.13
N VAL B 86 -14.89 -7.27 16.04
CA VAL B 86 -13.62 -7.93 15.68
C VAL B 86 -12.53 -6.87 15.51
N ILE B 87 -11.43 -7.06 16.24
CA ILE B 87 -10.30 -6.14 16.23
C ILE B 87 -9.00 -6.85 15.89
N PHE B 88 -8.39 -6.45 14.78
CA PHE B 88 -7.10 -6.93 14.37
C PHE B 88 -6.00 -6.28 15.19
N VAL B 89 -5.18 -7.09 15.86
CA VAL B 89 -4.09 -6.56 16.65
C VAL B 89 -2.80 -6.52 15.85
N ALA B 90 -2.61 -5.41 15.13
CA ALA B 90 -1.54 -5.26 14.16
C ALA B 90 -0.35 -4.49 14.76
N VAL B 91 0.15 -5.03 15.88
CA VAL B 91 1.30 -4.49 16.56
C VAL B 91 2.20 -5.67 16.93
N PHE B 92 3.44 -5.41 17.30
CA PHE B 92 4.36 -6.48 17.62
C PHE B 92 4.09 -7.00 19.04
N ARG B 93 4.48 -8.25 19.29
N ARG B 93 4.50 -8.24 19.30
CA ARG B 93 4.25 -8.92 20.57
CA ARG B 93 4.24 -8.92 20.58
C ARG B 93 4.73 -8.09 21.75
C ARG B 93 4.72 -8.11 21.78
N GLU B 94 5.89 -7.48 21.57
N GLU B 94 5.87 -7.46 21.62
CA GLU B 94 6.53 -6.66 22.61
CA GLU B 94 6.47 -6.69 22.71
C GLU B 94 5.65 -5.49 23.06
C GLU B 94 5.59 -5.52 23.12
N HIS B 95 4.68 -5.11 22.24
CA HIS B 95 3.75 -4.01 22.53
C HIS B 95 2.33 -4.44 22.95
N TYR B 96 2.08 -5.75 22.98
CA TYR B 96 0.78 -6.28 23.43
C TYR B 96 0.35 -5.77 24.80
N SER B 97 1.25 -5.83 25.78
CA SER B 97 0.91 -5.43 27.15
C SER B 97 0.62 -3.93 27.26
N SER B 98 1.15 -3.13 26.34
CA SER B 98 0.83 -1.70 26.30
C SER B 98 -0.66 -1.43 26.00
N LEU B 99 -1.37 -2.45 25.52
CA LEU B 99 -2.80 -2.34 25.20
C LEU B 99 -3.71 -2.68 26.39
N CYS B 100 -3.12 -2.98 27.55
CA CYS B 100 -3.91 -3.45 28.70
C CYS B 100 -4.89 -2.41 29.24
N SER B 101 -4.58 -1.13 29.11
CA SER B 101 -5.50 -0.07 29.52
C SER B 101 -6.82 -0.06 28.73
N LEU B 102 -6.86 -0.80 27.62
CA LEU B 102 -8.08 -0.93 26.80
C LEU B 102 -8.97 -2.11 27.22
N SER B 103 -8.58 -2.81 28.29
CA SER B 103 -9.24 -4.07 28.68
C SER B 103 -10.75 -3.96 28.87
N ASP B 104 -11.20 -2.94 29.58
CA ASP B 104 -12.63 -2.81 29.89
C ASP B 104 -13.45 -2.58 28.63
N GLN B 105 -12.88 -1.90 27.64
CA GLN B 105 -13.57 -1.69 26.37
C GLN B 105 -13.55 -2.94 25.49
N LEU B 106 -12.43 -3.66 25.52
CA LEU B 106 -12.25 -4.85 24.69
C LEU B 106 -13.03 -6.08 25.17
N ALA B 107 -13.62 -6.00 26.37
CA ALA B 107 -14.27 -7.16 27.00
C ALA B 107 -15.29 -7.82 26.06
N GLY B 108 -15.21 -9.14 25.94
CA GLY B 108 -16.13 -9.90 25.08
C GLY B 108 -15.92 -9.82 23.58
N LYS B 109 -14.86 -9.13 23.15
CA LYS B 109 -14.62 -8.99 21.71
C LYS B 109 -13.68 -10.06 21.15
N ILE B 110 -13.66 -10.14 19.82
CA ILE B 110 -12.78 -11.04 19.09
C ILE B 110 -11.50 -10.29 18.75
N LEU B 111 -10.37 -10.84 19.16
CA LEU B 111 -9.08 -10.26 18.81
C LEU B 111 -8.37 -11.15 17.81
N VAL B 112 -7.89 -10.58 16.71
CA VAL B 112 -7.15 -11.34 15.71
C VAL B 112 -5.63 -11.12 15.87
N ASP B 113 -4.91 -12.21 16.19
CA ASP B 113 -3.47 -12.15 16.29
C ASP B 113 -2.90 -12.47 14.92
N VAL B 114 -2.31 -11.46 14.30
CA VAL B 114 -1.78 -11.56 12.94
C VAL B 114 -0.24 -11.74 12.91
N SER B 115 0.38 -11.81 14.09
CA SER B 115 1.83 -11.73 14.18
C SER B 115 2.53 -12.89 13.47
N ASN B 116 3.65 -12.56 12.84
CA ASN B 116 4.48 -13.50 12.11
C ASN B 116 5.84 -13.49 12.78
N PRO B 117 6.00 -14.28 13.87
CA PRO B 117 7.24 -14.14 14.62
C PRO B 117 8.46 -14.63 13.83
N THR B 118 9.61 -14.04 14.09
CA THR B 118 10.85 -14.58 13.54
C THR B 118 11.10 -15.97 14.11
N GLU B 119 11.97 -16.73 13.44
CA GLU B 119 12.34 -18.08 13.90
C GLU B 119 12.79 -18.07 15.35
N GLN B 120 13.59 -17.07 15.71
CA GLN B 120 14.11 -16.99 17.06
C GLN B 120 13.05 -16.67 18.12
N GLU B 121 12.16 -15.72 17.84
CA GLU B 121 11.04 -15.40 18.76
C GLU B 121 10.18 -16.65 18.98
N HIS B 122 9.86 -17.31 17.88
CA HIS B 122 9.07 -18.54 17.90
C HIS B 122 9.66 -19.56 18.85
N LEU B 123 10.96 -19.75 18.77
CA LEU B 123 11.64 -20.73 19.61
C LEU B 123 11.89 -20.28 21.06
N GLN B 124 12.00 -18.98 21.28
N GLN B 124 12.02 -18.98 21.29
CA GLN B 124 12.30 -18.42 22.60
CA GLN B 124 12.33 -18.47 22.64
C GLN B 124 11.11 -18.44 23.54
C GLN B 124 11.11 -18.43 23.56
N HIS B 125 9.92 -18.27 22.99
CA HIS B 125 8.70 -18.17 23.79
C HIS B 125 7.97 -19.49 23.82
N ARG B 126 7.66 -19.98 25.02
CA ARG B 126 7.00 -21.27 25.18
C ARG B 126 5.62 -21.31 24.52
N GLU B 127 4.88 -20.25 24.71
CA GLU B 127 3.55 -20.15 24.11
C GLU B 127 3.61 -19.30 22.84
N SER B 128 2.63 -19.52 21.98
CA SER B 128 2.47 -18.71 20.78
C SER B 128 2.12 -17.28 21.17
N ASN B 129 2.36 -16.35 20.26
CA ASN B 129 1.93 -14.96 20.47
C ASN B 129 0.43 -14.88 20.71
N ALA B 130 -0.32 -15.70 19.98
CA ALA B 130 -1.79 -15.72 20.08
C ALA B 130 -2.23 -16.14 21.49
N GLU B 131 -1.58 -17.15 22.05
CA GLU B 131 -1.89 -17.60 23.41
C GLU B 131 -1.48 -16.56 24.44
N TYR B 132 -0.34 -15.93 24.22
CA TYR B 132 0.11 -14.83 25.07
C TYR B 132 -0.92 -13.71 25.08
N LEU B 133 -1.38 -13.34 23.90
CA LEU B 133 -2.47 -12.35 23.75
C LEU B 133 -3.78 -12.76 24.46
N ALA B 134 -4.15 -14.04 24.37
CA ALA B 134 -5.33 -14.57 25.06
C ALA B 134 -5.20 -14.41 26.59
N SER B 135 -3.99 -14.66 27.10
CA SER B 135 -3.70 -14.56 28.55
C SER B 135 -3.78 -13.12 29.04
N LEU B 136 -3.40 -12.18 28.17
CA LEU B 136 -3.48 -10.76 28.52
C LEU B 136 -4.90 -10.20 28.57
N PHE B 137 -5.79 -10.81 27.79
CA PHE B 137 -7.19 -10.37 27.67
C PHE B 137 -8.14 -11.54 27.81
N PRO B 138 -8.23 -12.13 29.04
CA PRO B 138 -9.03 -13.33 29.26
C PRO B 138 -10.52 -13.19 28.93
N THR B 139 -11.05 -11.97 28.94
CA THR B 139 -12.48 -11.78 28.63
C THR B 139 -12.73 -11.69 27.11
N CYS B 140 -11.65 -11.61 26.33
CA CYS B 140 -11.73 -11.66 24.85
C CYS B 140 -11.52 -13.09 24.33
N THR B 141 -11.86 -13.31 23.07
CA THR B 141 -11.54 -14.58 22.41
C THR B 141 -10.59 -14.29 21.25
N VAL B 142 -9.46 -14.99 21.25
CA VAL B 142 -8.43 -14.80 20.25
C VAL B 142 -8.54 -15.78 19.10
N VAL B 143 -8.41 -15.24 17.90
CA VAL B 143 -8.27 -16.04 16.67
C VAL B 143 -6.91 -15.71 16.05
N LYS B 144 -6.18 -16.76 15.66
CA LYS B 144 -4.95 -16.60 14.92
C LYS B 144 -5.33 -16.62 13.44
N ALA B 145 -4.92 -15.58 12.74
CA ALA B 145 -5.18 -15.49 11.30
C ALA B 145 -4.32 -14.41 10.65
N PHE B 146 -3.95 -14.68 9.41
CA PHE B 146 -3.31 -13.72 8.48
C PHE B 146 -1.80 -13.58 8.64
N ASN B 147 -1.20 -14.40 9.50
CA ASN B 147 0.25 -14.32 9.70
C ASN B 147 1.08 -14.74 8.48
N VAL B 148 0.52 -15.54 7.59
CA VAL B 148 1.25 -16.04 6.44
C VAL B 148 1.03 -15.17 5.20
N ILE B 149 0.24 -14.11 5.32
CA ILE B 149 -0.06 -13.24 4.18
C ILE B 149 0.81 -11.98 4.26
N SER B 150 1.52 -11.65 3.20
CA SER B 150 2.31 -10.40 3.17
C SER B 150 1.41 -9.15 3.09
N ALA B 151 1.93 -8.04 3.57
CA ALA B 151 1.25 -6.75 3.49
C ALA B 151 0.95 -6.40 2.03
N TRP B 152 1.89 -6.65 1.12
CA TRP B 152 1.61 -6.36 -0.29
C TRP B 152 0.53 -7.26 -0.89
N THR B 153 0.44 -8.50 -0.43
CA THR B 153 -0.63 -9.39 -0.88
C THR B 153 -1.98 -8.88 -0.42
N LEU B 154 -2.03 -8.39 0.81
CA LEU B 154 -3.22 -7.73 1.32
C LEU B 154 -3.59 -6.53 0.46
N GLN B 155 -2.64 -5.67 0.18
CA GLN B 155 -2.88 -4.50 -0.65
C GLN B 155 -3.34 -4.86 -2.04
N ALA B 156 -2.51 -5.59 -2.76
CA ALA B 156 -2.68 -5.77 -4.19
C ALA B 156 -3.36 -7.06 -4.52
N GLY B 157 -3.04 -8.06 -3.71
CA GLY B 157 -3.11 -9.44 -4.10
C GLY B 157 -4.41 -9.88 -4.64
N PRO B 158 -4.41 -10.57 -5.79
CA PRO B 158 -5.65 -10.70 -6.56
C PRO B 158 -6.72 -11.38 -5.71
N ARG B 159 -7.95 -10.87 -5.83
CA ARG B 159 -9.13 -11.49 -5.24
C ARG B 159 -9.58 -12.74 -5.97
N ASP B 160 -8.67 -13.39 -6.66
CA ASP B 160 -8.84 -14.78 -6.98
C ASP B 160 -8.95 -15.28 -5.58
N GLY B 161 -9.66 -16.36 -5.37
CA GLY B 161 -9.80 -16.81 -4.01
C GLY B 161 -8.81 -17.90 -3.67
N ASN B 162 -7.57 -17.76 -4.06
CA ASN B 162 -6.74 -18.95 -4.13
C ASN B 162 -5.81 -19.00 -2.97
N ARG B 163 -5.69 -17.90 -2.27
CA ARG B 163 -4.65 -17.82 -1.31
C ARG B 163 -5.14 -18.12 0.06
N GLN B 164 -4.55 -19.14 0.62
CA GLN B 164 -5.06 -19.80 1.77
C GLN B 164 -4.59 -19.01 3.00
N VAL B 165 -5.51 -18.73 3.90
CA VAL B 165 -5.19 -18.39 5.31
C VAL B 165 -5.59 -19.46 6.29
N PRO B 166 -4.60 -19.99 6.97
CA PRO B 166 -4.86 -20.72 8.19
C PRO B 166 -5.37 -19.93 9.38
N ILE B 167 -6.32 -20.52 10.07
CA ILE B 167 -7.19 -19.85 11.03
C ILE B 167 -7.28 -20.87 12.16
N CYS B 168 -6.94 -20.47 13.37
CA CYS B 168 -7.38 -21.22 14.54
C CYS B 168 -7.82 -20.39 15.72
N GLY B 169 -8.41 -21.07 16.70
CA GLY B 169 -8.99 -20.44 17.85
C GLY B 169 -9.88 -21.40 18.58
N ASP B 170 -10.17 -21.11 19.84
CA ASP B 170 -10.98 -22.01 20.68
C ASP B 170 -12.48 -21.85 20.46
N GLN B 171 -12.90 -20.73 19.89
CA GLN B 171 -14.33 -20.42 19.79
C GLN B 171 -14.85 -20.50 18.36
N PRO B 172 -15.73 -21.47 18.07
CA PRO B 172 -16.27 -21.63 16.73
C PRO B 172 -16.93 -20.38 16.12
N GLU B 173 -17.69 -19.62 16.92
CA GLU B 173 -18.34 -18.39 16.44
C GLU B 173 -17.31 -17.36 15.94
N ALA B 174 -16.28 -17.16 16.76
CA ALA B 174 -15.20 -16.22 16.43
C ALA B 174 -14.45 -16.64 15.16
N LYS B 175 -14.12 -17.93 15.06
CA LYS B 175 -13.46 -18.46 13.87
C LYS B 175 -14.29 -18.30 12.59
N ARG B 176 -15.60 -18.48 12.70
CA ARG B 176 -16.53 -18.27 11.57
C ARG B 176 -16.54 -16.80 11.14
N ALA B 177 -16.62 -15.88 12.10
CA ALA B 177 -16.59 -14.44 11.82
C ALA B 177 -15.35 -14.05 11.03
N VAL B 178 -14.18 -14.54 11.49
CA VAL B 178 -12.91 -14.21 10.84
C VAL B 178 -12.80 -14.90 9.46
N SER B 179 -13.30 -16.13 9.37
CA SER B 179 -13.30 -16.89 8.12
C SER B 179 -14.18 -16.23 7.03
N GLU B 180 -15.34 -15.74 7.44
CA GLU B 180 -16.23 -15.04 6.50
C GLU B 180 -15.60 -13.75 6.01
N MET B 181 -14.87 -13.10 6.90
CA MET B 181 -14.17 -11.87 6.60
C MET B 181 -13.06 -12.19 5.57
N ALA B 182 -12.31 -13.25 5.86
CA ALA B 182 -11.26 -13.72 4.95
C ALA B 182 -11.82 -14.00 3.55
N LEU B 183 -12.97 -14.67 3.47
CA LEU B 183 -13.63 -14.94 2.21
C LEU B 183 -14.06 -13.66 1.46
N ALA B 184 -14.64 -12.71 2.20
CA ALA B 184 -15.07 -11.44 1.63
C ALA B 184 -13.88 -10.66 1.07
N MET B 185 -12.70 -10.83 1.69
CA MET B 185 -11.46 -10.19 1.23
C MET B 185 -10.80 -10.96 0.10
N GLY B 186 -11.38 -12.08 -0.28
CA GLY B 186 -10.85 -12.87 -1.38
C GLY B 186 -9.86 -13.95 -1.03
N PHE B 187 -9.75 -14.33 0.23
CA PHE B 187 -8.85 -15.39 0.68
C PHE B 187 -9.65 -16.66 0.93
N MET B 188 -8.96 -17.74 1.21
CA MET B 188 -9.58 -19.02 1.44
C MET B 188 -9.15 -19.52 2.79
N PRO B 189 -10.04 -19.40 3.79
CA PRO B 189 -9.68 -19.78 5.14
C PRO B 189 -9.54 -21.30 5.28
N VAL B 190 -8.58 -21.73 6.09
CA VAL B 190 -8.29 -23.15 6.31
C VAL B 190 -8.31 -23.36 7.81
N ASP B 191 -9.24 -24.18 8.31
CA ASP B 191 -9.40 -24.34 9.78
C ASP B 191 -8.28 -25.23 10.30
N MET B 192 -7.45 -24.69 11.19
CA MET B 192 -6.35 -25.44 11.80
C MET B 192 -6.62 -25.85 13.23
N GLY B 193 -7.85 -25.68 13.69
CA GLY B 193 -8.26 -26.19 14.99
C GLY B 193 -8.29 -25.16 16.10
N SER B 194 -7.94 -25.60 17.32
CA SER B 194 -8.00 -24.76 18.51
C SER B 194 -6.82 -23.78 18.60
N LEU B 195 -6.87 -22.88 19.58
CA LEU B 195 -5.79 -21.91 19.70
C LEU B 195 -4.45 -22.58 20.00
N ALA B 196 -4.48 -23.79 20.55
CA ALA B 196 -3.25 -24.57 20.78
C ALA B 196 -2.46 -24.86 19.48
N SER B 197 -3.15 -24.83 18.34
CA SER B 197 -2.50 -24.96 17.04
C SER B 197 -1.74 -23.70 16.59
N ALA B 198 -1.91 -22.58 17.31
CA ALA B 198 -1.32 -21.30 16.91
C ALA B 198 0.21 -21.36 16.88
N TRP B 199 0.82 -22.10 17.78
CA TRP B 199 2.28 -22.21 17.77
C TRP B 199 2.77 -22.78 16.42
N GLU B 200 2.16 -23.86 15.97
CA GLU B 200 2.53 -24.45 14.68
C GLU B 200 2.19 -23.51 13.52
N VAL B 201 1.04 -22.86 13.60
CA VAL B 201 0.65 -21.87 12.58
C VAL B 201 1.70 -20.72 12.50
N GLU B 202 2.17 -20.25 13.64
CA GLU B 202 3.15 -19.17 13.70
C GLU B 202 4.50 -19.60 13.10
N ALA B 203 4.73 -20.91 13.01
CA ALA B 203 5.92 -21.45 12.34
C ALA B 203 5.82 -21.46 10.81
N MET B 204 4.61 -21.32 10.30
CA MET B 204 4.39 -21.37 8.85
C MET B 204 5.06 -20.18 8.16
N PRO B 205 5.77 -20.44 7.06
CA PRO B 205 6.52 -19.37 6.42
C PRO B 205 5.60 -18.34 5.74
N LEU B 206 6.04 -17.10 5.76
CA LEU B 206 5.34 -16.03 5.11
C LEU B 206 5.49 -16.20 3.62
N ARG B 207 4.36 -16.01 2.95
CA ARG B 207 4.24 -16.04 1.51
C ARG B 207 4.06 -14.63 0.96
N LEU B 208 4.92 -14.19 0.07
CA LEU B 208 6.13 -14.89 -0.32
C LEU B 208 7.22 -13.82 -0.37
PA NAP C . -3.42 -0.17 -12.65
O1A NAP C . -4.16 -0.96 -13.65
O2A NAP C . -3.64 -0.65 -11.25
O5B NAP C . -3.76 1.37 -12.86
C5B NAP C . -3.88 1.97 -14.14
C4B NAP C . -4.66 3.26 -13.96
O4B NAP C . -4.80 3.95 -15.18
C3B NAP C . -6.10 3.05 -13.49
O3B NAP C . -6.21 2.95 -12.10
C2B NAP C . -6.85 4.25 -14.06
O2B NAP C . -7.23 5.24 -13.14
C1B NAP C . -5.84 4.88 -15.01
N9A NAP C . -6.51 5.24 -16.27
C8A NAP C . -6.61 6.51 -16.79
N7A NAP C . -7.33 6.42 -17.94
C5A NAP C . -7.68 5.13 -18.13
C6A NAP C . -8.40 4.50 -19.13
N6A NAP C . -8.87 5.22 -20.14
N1A NAP C . -8.61 3.13 -19.07
C2A NAP C . -8.11 2.40 -17.99
N3A NAP C . -7.38 3.03 -17.01
C4A NAP C . -7.17 4.37 -17.08
O3 NAP C . -1.82 -0.20 -12.92
PN NAP C . -0.59 0.23 -11.96
O1N NAP C . -1.02 1.31 -11.05
O2N NAP C . 0.02 -0.97 -11.38
O5D NAP C . 0.44 0.75 -13.09
C5D NAP C . 0.24 1.92 -13.87
C4D NAP C . 1.59 2.34 -14.45
O4D NAP C . 2.60 2.27 -13.44
C3D NAP C . 2.01 1.39 -15.58
O3D NAP C . 2.56 2.07 -16.70
C2D NAP C . 3.06 0.53 -14.93
O2D NAP C . 3.98 -0.03 -15.85
C1D NAP C . 3.67 1.49 -13.91
N1N NAP C . 4.47 0.78 -12.87
C2N NAP C . 3.91 -0.21 -12.06
C3N NAP C . 4.69 -0.91 -11.10
C7N NAP C . 4.02 -1.65 -9.95
O7N NAP C . 4.80 -2.41 -9.03
N7N NAP C . 2.67 -1.62 -9.81
C4N NAP C . 6.05 -0.59 -11.00
C5N NAP C . 6.62 0.40 -11.81
C6N NAP C . 5.81 1.08 -12.76
P2B NAP C . -8.62 6.06 -13.29
O1X NAP C . -8.51 7.00 -14.47
O2X NAP C . -9.77 5.08 -13.43
O3X NAP C . -8.87 6.91 -12.07
C1 CIT D . -21.31 4.84 0.81
O1 CIT D . -20.69 4.03 1.55
O2 CIT D . -21.01 4.89 -0.40
C2 CIT D . -22.36 5.75 1.39
C3 CIT D . -22.01 7.23 1.17
O7 CIT D . -22.26 7.52 -0.23
C4 CIT D . -20.54 7.58 1.44
C5 CIT D . -20.01 7.27 2.83
O3 CIT D . -19.28 8.10 3.42
O4 CIT D . -20.26 6.19 3.42
C6 CIT D . -22.94 8.11 2.00
O5 CIT D . -23.10 7.93 3.22
O6 CIT D . -23.57 9.05 1.46
PA NAP E . 5.13 -1.67 11.87
O1A NAP E . 6.37 -1.33 12.61
O2A NAP E . 5.10 -1.09 10.48
O5B NAP E . 3.88 -1.25 12.79
C5B NAP E . 3.85 -1.53 14.17
C4B NAP E . 2.67 -0.78 14.79
O4B NAP E . 2.55 -1.05 16.17
C3B NAP E . 2.82 0.74 14.72
O3B NAP E . 2.23 1.26 13.54
C2B NAP E . 2.15 1.27 15.98
O2B NAP E . 1.00 2.06 15.75
C1B NAP E . 1.76 0.01 16.73
N9A NAP E . 1.96 0.16 18.18
C8A NAP E . 0.97 0.15 19.14
N7A NAP E . 1.54 0.34 20.35
C5A NAP E . 2.89 0.47 20.18
C6A NAP E . 3.92 0.67 21.08
N6A NAP E . 3.65 0.77 22.38
N1A NAP E . 5.22 0.77 20.62
C2A NAP E . 5.48 0.67 19.25
N3A NAP E . 4.44 0.46 18.35
C4A NAP E . 3.17 0.36 18.82
O3 NAP E . 4.94 -3.27 11.72
PN NAP E . 3.98 -4.13 10.71
O1N NAP E . 2.79 -3.33 10.37
O2N NAP E . 4.83 -4.72 9.64
O5D NAP E . 3.60 -5.40 11.66
C5D NAP E . 2.72 -5.39 12.79
C4D NAP E . 2.24 -6.83 12.98
O4D NAP E . 1.80 -7.35 11.74
C3D NAP E . 3.39 -7.74 13.45
O3D NAP E . 3.00 -8.63 14.46
C2D NAP E . 3.81 -8.53 12.23
O2D NAP E . 4.37 -9.83 12.47
C1D NAP E . 2.46 -8.58 11.51
N1N NAP E . 2.63 -9.00 10.10
C2N NAP E . 3.37 -8.24 9.20
C3N NAP E . 3.53 -8.66 7.87
C7N NAP E . 4.00 -7.69 6.79
O7N NAP E . 4.19 -8.15 5.46
N7N NAP E . 4.24 -6.40 7.09
C4N NAP E . 2.94 -9.88 7.47
C5N NAP E . 2.21 -10.65 8.38
C6N NAP E . 2.06 -10.19 9.71
P2B NAP E . 0.68 3.37 16.65
O1X NAP E . -0.16 2.92 17.81
O2X NAP E . 1.97 4.05 17.04
O3X NAP E . -0.10 4.41 15.88
#